data_4YOM
#
_entry.id   4YOM
#
_cell.length_a   98.111
_cell.length_b   87.271
_cell.length_c   80.301
_cell.angle_alpha   90.00
_cell.angle_beta   92.29
_cell.angle_gamma   90.00
#
_symmetry.space_group_name_H-M   'C 1 2 1'
#
loop_
_entity.id
_entity.type
_entity.pdbx_description
1 polymer 'Serine/threonine-protein kinase BRSK2'
2 polymer 'Serine/threonine-protein kinase BRSK2'
3 non-polymer 1,2-ETHANEDIOL
4 water water
#
loop_
_entity_poly.entity_id
_entity_poly.type
_entity_poly.pdbx_seq_one_letter_code
_entity_poly.pdbx_strand_id
1 'polypeptide(L)'
;MTSTGKDGGGAQHAQYVGPYRLEKTLGKGQTGLVKLGIHCVTCQKVAIKIVNREKLSESVLMKVEREIAILKLIEHPHVL
KLHDVYENKKYLYLVLEHVSGGELFDYLVKKGRLTPKEARKFFRQIISALDFCHSHSICHRDLKPENLLLDERNNIRIAD
FGMASLQVGDSLLETSCGSPHYACPEVIRGEKYDGRKADVWSCGVILFALLVGALPFDDDNLRQLLEKVKRGVFHMPHFI
PPDCQSLLRGMIEVDAARRLTLEHIQKHIWYIGGKNEPEPEQPIPRKVQIRSLPSLEDIDPDVLDSMHSLGCFRDRNKLL
QDLLSEEENQEKMIYFLLLDRKLEHHHHHH
;
B
2 'polypeptide(L)'
;MKKSWFGNFINLEKEEQIFVVIKDKPLSSIKADIVHAFLSIPSLSHSVISQTSFRAEYKATGGPAVFQKPVKFQVDITYT
EGGEAQKENGIYSVTFTLLSGPSRRFKRVVETIQAQLLSTHDQPSAQHLSGIIPKSLEHHHHHH
;
A
#
# COMPACT_ATOMS: atom_id res chain seq x y z
N HIS A 13 -26.98 -10.42 1.18
CA HIS A 13 -26.31 -11.01 0.03
C HIS A 13 -24.89 -10.48 -0.15
N ALA A 14 -23.95 -11.39 -0.41
CA ALA A 14 -22.51 -11.12 -0.23
C ALA A 14 -21.88 -10.14 -1.22
N GLN A 15 -21.20 -9.13 -0.69
CA GLN A 15 -20.44 -8.18 -1.51
C GLN A 15 -18.98 -8.60 -1.73
N TYR A 16 -18.48 -8.38 -2.93
CA TYR A 16 -17.12 -8.75 -3.28
C TYR A 16 -16.28 -7.62 -3.84
N VAL A 17 -14.99 -7.67 -3.51
CA VAL A 17 -13.99 -6.80 -4.12
C VAL A 17 -13.05 -7.75 -4.83
N GLY A 18 -13.20 -7.83 -6.15
CA GLY A 18 -12.57 -8.88 -6.93
C GLY A 18 -12.80 -10.22 -6.25
N PRO A 19 -11.71 -10.92 -5.92
CA PRO A 19 -11.88 -12.25 -5.31
C PRO A 19 -12.21 -12.19 -3.82
N TYR A 20 -12.16 -11.02 -3.20
CA TYR A 20 -12.33 -10.97 -1.75
C TYR A 20 -13.78 -10.79 -1.34
N ARG A 21 -14.25 -11.71 -0.50
CA ARG A 21 -15.57 -11.58 0.07
C ARG A 21 -15.49 -10.63 1.28
N LEU A 22 -16.33 -9.60 1.30
CA LEU A 22 -16.37 -8.67 2.43
C LEU A 22 -17.07 -9.29 3.63
N GLU A 23 -16.47 -9.12 4.79
CA GLU A 23 -17.06 -9.62 6.02
C GLU A 23 -17.13 -8.46 7.01
N LYS A 24 -16.77 -8.73 8.26
CA LYS A 24 -16.90 -7.72 9.30
C LYS A 24 -16.05 -6.48 9.09
N THR A 25 -16.42 -5.45 9.83
CA THR A 25 -15.72 -4.20 9.87
C THR A 25 -14.63 -4.31 10.92
N LEU A 26 -13.40 -3.99 10.56
CA LEU A 26 -12.29 -3.98 11.52
C LEU A 26 -12.04 -2.58 12.08
N GLY A 27 -12.25 -1.56 11.25
CA GLY A 27 -12.09 -0.17 11.64
C GLY A 27 -13.12 0.72 10.99
N LYS A 28 -13.59 1.75 11.70
CA LYS A 28 -14.67 2.61 11.21
C LYS A 28 -14.42 4.08 11.55
N GLY A 29 -15.07 4.99 10.82
CA GLY A 29 -15.04 6.41 11.11
C GLY A 29 -13.75 7.10 10.68
N GLN A 30 -13.15 7.85 11.59
CA GLN A 30 -11.86 8.48 11.34
C GLN A 30 -10.80 7.42 11.05
N THR A 31 -9.79 7.79 10.25
CA THR A 31 -8.83 6.83 9.69
C THR A 31 -9.53 5.81 8.76
N GLY A 32 -10.80 6.08 8.47
CA GLY A 32 -11.51 5.35 7.42
C GLY A 32 -12.20 4.07 7.81
N LEU A 33 -13.00 3.56 6.87
CA LEU A 33 -13.69 2.30 7.05
C LEU A 33 -12.80 1.15 6.57
N VAL A 34 -12.67 0.11 7.38
CA VAL A 34 -11.87 -1.03 7.01
C VAL A 34 -12.65 -2.31 7.19
N LYS A 35 -12.64 -3.15 6.15
CA LYS A 35 -13.33 -4.43 6.22
C LYS A 35 -12.39 -5.62 6.10
N LEU A 36 -12.79 -6.73 6.70
CA LEU A 36 -12.11 -7.99 6.51
C LEU A 36 -12.52 -8.53 5.15
N GLY A 37 -11.53 -8.87 4.32
CA GLY A 37 -11.80 -9.59 3.10
C GLY A 37 -11.30 -11.03 3.18
N ILE A 38 -12.07 -11.94 2.58
CA ILE A 38 -11.66 -13.33 2.50
C ILE A 38 -11.61 -13.74 1.03
N HIS A 39 -10.43 -14.18 0.60
CA HIS A 39 -10.23 -14.68 -0.76
C HIS A 39 -11.10 -15.91 -0.96
N CYS A 40 -11.92 -15.89 -2.00
CA CYS A 40 -12.94 -16.91 -2.21
C CYS A 40 -12.40 -18.25 -2.70
N VAL A 41 -11.12 -18.31 -3.03
CA VAL A 41 -10.48 -19.56 -3.42
C VAL A 41 -9.40 -20.00 -2.42
N THR A 42 -8.62 -19.05 -1.93
CA THR A 42 -7.52 -19.39 -1.03
C THR A 42 -7.86 -19.27 0.46
N CYS A 43 -8.97 -18.58 0.75
CA CYS A 43 -9.42 -18.35 2.12
C CYS A 43 -8.46 -17.48 2.91
N GLN A 44 -7.54 -16.82 2.21
CA GLN A 44 -6.64 -15.88 2.85
C GLN A 44 -7.30 -14.56 3.25
N LYS A 45 -6.83 -14.00 4.36
CA LYS A 45 -7.39 -12.79 4.93
C LYS A 45 -6.65 -11.55 4.48
N VAL A 46 -7.41 -10.49 4.20
CA VAL A 46 -6.88 -9.20 3.85
C VAL A 46 -7.72 -8.11 4.56
N ALA A 47 -7.16 -6.92 4.69
CA ALA A 47 -7.87 -5.79 5.26
C ALA A 47 -8.19 -4.84 4.12
N ILE A 48 -9.46 -4.53 3.94
CA ILE A 48 -9.84 -3.65 2.83
C ILE A 48 -10.34 -2.29 3.31
N LYS A 49 -9.52 -1.29 3.06
CA LYS A 49 -9.83 0.08 3.41
C LYS A 49 -10.69 0.67 2.30
N ILE A 50 -11.84 1.22 2.70
CA ILE A 50 -12.81 1.73 1.75
C ILE A 50 -12.83 3.24 1.80
N VAL A 51 -12.52 3.86 0.66
CA VAL A 51 -12.34 5.30 0.60
C VAL A 51 -13.24 5.91 -0.45
N ASN A 52 -14.04 6.90 -0.05
CA ASN A 52 -14.89 7.63 -1.00
C ASN A 52 -14.02 8.52 -1.88
N ARG A 53 -14.24 8.46 -3.19
CA ARG A 53 -13.34 9.10 -4.14
C ARG A 53 -14.03 10.26 -4.86
N GLU A 54 -15.31 10.46 -4.57
CA GLU A 54 -16.13 11.49 -5.22
C GLU A 54 -15.45 12.87 -5.24
N LYS A 55 -14.82 13.25 -4.12
CA LYS A 55 -14.24 14.57 -4.00
C LYS A 55 -12.75 14.64 -4.36
N LEU A 56 -12.11 13.49 -4.56
CA LEU A 56 -10.73 13.47 -5.01
C LEU A 56 -10.61 13.82 -6.49
N SER A 57 -9.76 14.79 -6.81
CA SER A 57 -9.47 15.12 -8.21
C SER A 57 -8.64 14.03 -8.86
N GLU A 58 -8.58 14.09 -10.19
CA GLU A 58 -7.81 13.14 -10.98
C GLU A 58 -6.32 13.19 -10.67
N SER A 59 -5.77 14.40 -10.62
CA SER A 59 -4.33 14.55 -10.43
C SER A 59 -3.93 14.05 -9.05
N VAL A 60 -4.80 14.26 -8.06
CA VAL A 60 -4.62 13.66 -6.75
C VAL A 60 -4.58 12.14 -6.87
N LEU A 61 -5.53 11.57 -7.59
CA LEU A 61 -5.57 10.12 -7.72
C LEU A 61 -4.37 9.55 -8.49
N MET A 62 -3.94 10.27 -9.52
CA MET A 62 -2.78 9.84 -10.28
C MET A 62 -1.49 9.87 -9.45
N LYS A 63 -1.32 10.95 -8.67
CA LYS A 63 -0.15 11.10 -7.80
C LYS A 63 -0.07 9.99 -6.76
N VAL A 64 -1.21 9.65 -6.18
CA VAL A 64 -1.30 8.54 -5.24
C VAL A 64 -0.99 7.19 -5.90
N GLU A 65 -1.50 6.98 -7.11
CA GLU A 65 -1.27 5.71 -7.79
C GLU A 65 0.22 5.50 -8.08
N ARG A 66 0.89 6.58 -8.47
CA ARG A 66 2.32 6.53 -8.71
C ARG A 66 3.07 6.09 -7.44
N GLU A 67 2.73 6.68 -6.30
CA GLU A 67 3.36 6.27 -5.05
C GLU A 67 3.02 4.85 -4.65
N ILE A 68 1.74 4.48 -4.79
CA ILE A 68 1.32 3.11 -4.48
C ILE A 68 2.01 2.08 -5.40
N ALA A 69 2.16 2.45 -6.68
CA ALA A 69 2.90 1.65 -7.65
C ALA A 69 4.29 1.25 -7.11
N ILE A 70 5.02 2.22 -6.57
CA ILE A 70 6.30 1.98 -5.93
C ILE A 70 6.18 1.06 -4.70
N LEU A 71 5.24 1.37 -3.81
CA LEU A 71 5.01 0.56 -2.61
C LEU A 71 4.68 -0.90 -2.95
N LYS A 72 3.95 -1.10 -4.04
CA LYS A 72 3.58 -2.42 -4.45
C LYS A 72 4.80 -3.22 -4.90
N LEU A 73 5.91 -2.53 -5.10
CA LEU A 73 7.08 -3.17 -5.69
C LEU A 73 8.23 -3.35 -4.71
N ILE A 74 8.11 -2.73 -3.54
CA ILE A 74 9.14 -2.86 -2.52
C ILE A 74 8.56 -3.55 -1.29
N GLU A 75 9.45 -4.05 -0.44
CA GLU A 75 9.05 -4.79 0.74
C GLU A 75 10.02 -4.47 1.86
N HIS A 76 9.46 -4.26 3.04
CA HIS A 76 10.28 -4.04 4.23
C HIS A 76 9.61 -4.77 5.40
N PRO A 77 10.42 -5.24 6.37
CA PRO A 77 9.83 -5.96 7.52
C PRO A 77 8.90 -5.11 8.37
N HIS A 78 8.98 -3.78 8.29
CA HIS A 78 8.07 -2.96 9.10
C HIS A 78 7.11 -2.06 8.31
N VAL A 79 6.91 -2.39 7.04
CA VAL A 79 5.93 -1.68 6.23
C VAL A 79 4.77 -2.63 5.91
N LEU A 80 3.56 -2.22 6.28
CA LEU A 80 2.36 -3.00 5.92
C LEU A 80 2.33 -3.16 4.41
N LYS A 81 2.04 -4.35 3.94
CA LYS A 81 2.03 -4.58 2.51
C LYS A 81 0.65 -4.33 1.88
N LEU A 82 0.67 -3.72 0.68
CA LEU A 82 -0.50 -3.53 -0.15
C LEU A 82 -0.53 -4.54 -1.28
N HIS A 83 -1.65 -5.22 -1.46
CA HIS A 83 -1.80 -6.17 -2.57
C HIS A 83 -2.35 -5.54 -3.86
N ASP A 84 -3.37 -4.70 -3.76
CA ASP A 84 -4.01 -4.09 -4.93
C ASP A 84 -4.96 -2.98 -4.55
N VAL A 85 -5.39 -2.24 -5.57
CA VAL A 85 -6.42 -1.23 -5.39
C VAL A 85 -7.52 -1.47 -6.40
N TYR A 86 -8.76 -1.45 -5.93
CA TYR A 86 -9.92 -1.57 -6.80
C TYR A 86 -10.71 -0.25 -6.80
N GLU A 87 -11.31 0.04 -7.95
CA GLU A 87 -11.95 1.33 -8.16
C GLU A 87 -13.32 1.20 -8.84
N ASN A 88 -14.30 1.90 -8.29
CA ASN A 88 -15.51 2.23 -9.07
C ASN A 88 -15.79 3.72 -9.00
N LYS A 89 -17.00 4.12 -9.36
CA LYS A 89 -17.28 5.55 -9.46
C LYS A 89 -17.27 6.29 -8.12
N LYS A 90 -17.64 5.62 -7.04
CA LYS A 90 -17.68 6.27 -5.74
C LYS A 90 -16.51 5.91 -4.83
N TYR A 91 -16.02 4.69 -4.93
CA TYR A 91 -15.04 4.18 -3.96
C TYR A 91 -13.73 3.66 -4.53
N LEU A 92 -12.67 3.89 -3.77
CA LEU A 92 -11.44 3.13 -3.90
C LEU A 92 -11.45 2.05 -2.81
N TYR A 93 -10.98 0.85 -3.15
CA TYR A 93 -10.86 -0.25 -2.20
C TYR A 93 -9.39 -0.66 -2.13
N LEU A 94 -8.75 -0.35 -1.01
CA LEU A 94 -7.33 -0.57 -0.86
C LEU A 94 -7.14 -1.90 -0.15
N VAL A 95 -6.59 -2.88 -0.86
CA VAL A 95 -6.52 -4.24 -0.35
C VAL A 95 -5.15 -4.43 0.29
N LEU A 96 -5.15 -4.57 1.61
CA LEU A 96 -3.93 -4.56 2.38
C LEU A 96 -3.73 -5.87 3.11
N GLU A 97 -2.48 -6.12 3.46
CA GLU A 97 -2.15 -7.16 4.42
C GLU A 97 -2.98 -7.04 5.71
N HIS A 98 -3.38 -8.18 6.24
CA HIS A 98 -4.09 -8.24 7.50
C HIS A 98 -3.13 -8.61 8.64
N VAL A 99 -3.09 -7.80 9.69
CA VAL A 99 -2.30 -8.16 10.87
C VAL A 99 -3.19 -8.41 12.06
N SER A 100 -2.72 -9.19 13.02
CA SER A 100 -3.60 -9.59 14.12
C SER A 100 -3.16 -9.10 15.50
N GLY A 101 -2.30 -8.09 15.57
CA GLY A 101 -1.77 -7.66 16.85
C GLY A 101 -2.34 -6.39 17.45
N GLY A 102 -3.32 -5.76 16.80
CA GLY A 102 -3.79 -4.47 17.24
C GLY A 102 -2.78 -3.33 17.02
N GLU A 103 -2.86 -2.31 17.86
CA GLU A 103 -2.05 -1.10 17.72
C GLU A 103 -0.97 -0.99 18.77
N LEU A 104 0.20 -0.52 18.37
CA LEU A 104 1.28 -0.20 19.30
C LEU A 104 0.85 0.52 20.57
N PHE A 105 -0.04 1.51 20.45
CA PHE A 105 -0.44 2.29 21.62
C PHE A 105 -1.41 1.58 22.56
N ASP A 106 -2.10 0.55 22.06
CA ASP A 106 -2.84 -0.35 22.93
C ASP A 106 -1.86 -0.95 23.95
N TYR A 107 -0.68 -1.32 23.47
CA TYR A 107 0.37 -1.89 24.31
C TYR A 107 0.82 -0.87 25.37
N LEU A 108 1.11 0.34 24.91
CA LEU A 108 1.57 1.43 25.77
C LEU A 108 0.56 1.80 26.85
N VAL A 109 -0.72 1.54 26.57
CA VAL A 109 -1.79 1.79 27.52
C VAL A 109 -1.66 0.83 28.68
N LYS A 110 -1.53 -0.46 28.36
CA LYS A 110 -1.39 -1.50 29.37
C LYS A 110 -0.21 -1.24 30.31
N LYS A 111 0.87 -0.71 29.74
CA LYS A 111 2.09 -0.47 30.50
C LYS A 111 2.18 0.93 31.10
N GLY A 112 1.35 1.84 30.61
CA GLY A 112 1.46 3.24 30.99
C GLY A 112 2.62 3.93 30.26
N ARG A 113 3.77 3.28 30.25
CA ARG A 113 4.99 3.88 29.76
C ARG A 113 5.99 2.77 29.48
N LEU A 114 6.77 2.94 28.42
CA LEU A 114 7.76 1.93 28.07
C LEU A 114 9.13 2.19 28.66
N THR A 115 9.77 1.09 29.04
CA THR A 115 11.20 0.99 29.24
C THR A 115 11.96 1.67 28.08
N PRO A 116 13.00 2.43 28.41
CA PRO A 116 13.88 3.02 27.40
C PRO A 116 14.35 2.01 26.36
N LYS A 117 14.74 0.83 26.82
CA LYS A 117 15.18 -0.23 25.90
C LYS A 117 14.06 -0.72 25.00
N GLU A 118 12.86 -0.85 25.57
CA GLU A 118 11.74 -1.30 24.79
C GLU A 118 11.30 -0.21 23.81
N ALA A 119 11.38 1.04 24.26
CA ALA A 119 11.08 2.18 23.39
C ALA A 119 12.11 2.23 22.27
N ARG A 120 13.39 2.04 22.58
CA ARG A 120 14.42 1.97 21.54
C ARG A 120 14.18 0.86 20.49
N LYS A 121 13.69 -0.29 20.92
CA LYS A 121 13.38 -1.39 20.00
C LYS A 121 12.33 -1.03 18.94
N PHE A 122 11.18 -0.52 19.37
CA PHE A 122 10.15 -0.11 18.45
C PHE A 122 10.59 1.11 17.63
N PHE A 123 11.30 2.03 18.27
CA PHE A 123 11.84 3.21 17.59
C PHE A 123 12.75 2.87 16.39
N ARG A 124 13.67 1.92 16.60
CA ARG A 124 14.52 1.43 15.51
C ARG A 124 13.70 0.81 14.38
N GLN A 125 12.65 0.05 14.72
CA GLN A 125 11.80 -0.53 13.69
C GLN A 125 11.14 0.54 12.83
N ILE A 126 10.75 1.64 13.47
CA ILE A 126 10.09 2.71 12.76
C ILE A 126 11.08 3.49 11.87
N ILE A 127 12.22 3.87 12.45
CA ILE A 127 13.21 4.65 11.73
C ILE A 127 13.70 3.85 10.52
N SER A 128 13.85 2.56 10.72
CA SER A 128 14.27 1.70 9.62
C SER A 128 13.24 1.64 8.48
N ALA A 129 11.94 1.61 8.82
CA ALA A 129 10.92 1.64 7.78
C ALA A 129 10.88 3.00 7.05
N LEU A 130 10.95 4.07 7.84
CA LEU A 130 11.00 5.43 7.27
C LEU A 130 12.20 5.60 6.33
N ASP A 131 13.36 5.13 6.76
CA ASP A 131 14.56 5.26 5.96
C ASP A 131 14.41 4.51 4.63
N PHE A 132 13.89 3.29 4.73
CA PHE A 132 13.61 2.51 3.54
C PHE A 132 12.63 3.21 2.59
N CYS A 133 11.51 3.72 3.11
CA CYS A 133 10.53 4.36 2.24
C CYS A 133 11.05 5.69 1.66
N HIS A 134 11.68 6.50 2.51
CA HIS A 134 12.29 7.73 2.02
C HIS A 134 13.32 7.51 0.90
N SER A 135 14.12 6.45 1.02
CA SER A 135 15.15 6.25 0.01
C SER A 135 14.51 5.79 -1.30
N HIS A 136 13.24 5.39 -1.24
CA HIS A 136 12.46 5.10 -2.45
C HIS A 136 11.50 6.25 -2.80
N SER A 137 11.73 7.41 -2.18
CA SER A 137 10.97 8.66 -2.42
C SER A 137 9.54 8.67 -1.86
N ILE A 138 9.26 7.75 -0.94
CA ILE A 138 7.98 7.71 -0.28
C ILE A 138 8.05 8.28 1.13
N CYS A 139 7.36 9.40 1.34
CA CYS A 139 7.17 9.92 2.68
C CYS A 139 5.81 9.48 3.22
N HIS A 140 5.68 9.50 4.55
CA HIS A 140 4.39 9.17 5.15
C HIS A 140 3.49 10.41 5.22
N ARG A 141 4.04 11.50 5.73
CA ARG A 141 3.36 12.81 5.83
C ARG A 141 2.29 12.90 6.91
N ASP A 142 1.86 11.78 7.46
CA ASP A 142 0.79 11.83 8.46
C ASP A 142 0.94 10.69 9.47
N LEU A 143 2.17 10.46 9.91
CA LEU A 143 2.47 9.37 10.80
C LEU A 143 1.79 9.57 12.16
N LYS A 144 1.10 8.54 12.63
CA LYS A 144 0.23 8.58 13.81
C LYS A 144 0.25 7.22 14.47
N PRO A 145 -0.09 7.17 15.76
CA PRO A 145 -0.27 5.89 16.46
C PRO A 145 -1.18 4.89 15.73
N GLU A 146 -2.32 5.32 15.20
CA GLU A 146 -3.18 4.41 14.42
C GLU A 146 -2.44 3.67 13.28
N ASN A 147 -1.38 4.28 12.76
CA ASN A 147 -0.62 3.72 11.65
C ASN A 147 0.38 2.68 12.08
N LEU A 148 0.62 2.62 13.38
CA LEU A 148 1.61 1.71 13.93
C LEU A 148 0.95 0.41 14.40
N LEU A 149 0.89 -0.56 13.51
CA LEU A 149 0.26 -1.84 13.81
C LEU A 149 1.30 -2.85 14.30
N LEU A 150 0.81 -3.88 14.99
CA LEU A 150 1.62 -4.97 15.49
C LEU A 150 1.23 -6.26 14.78
N ASP A 151 2.23 -7.10 14.51
CA ASP A 151 1.97 -8.36 13.86
C ASP A 151 1.86 -9.48 14.89
N GLU A 152 1.99 -10.72 14.41
CA GLU A 152 1.98 -11.91 15.27
C GLU A 152 3.10 -11.89 16.33
N ARG A 153 4.28 -11.38 15.96
CA ARG A 153 5.44 -11.39 16.84
C ARG A 153 5.66 -10.07 17.56
N ASN A 154 4.63 -9.22 17.57
CA ASN A 154 4.76 -7.87 18.10
C ASN A 154 5.86 -7.02 17.43
N ASN A 155 6.03 -7.23 16.13
CA ASN A 155 6.81 -6.31 15.31
C ASN A 155 5.89 -5.25 14.70
N ILE A 156 6.42 -4.04 14.55
CA ILE A 156 5.64 -2.97 13.97
C ILE A 156 5.50 -3.18 12.47
N ARG A 157 4.30 -2.91 11.94
CA ARG A 157 4.09 -2.76 10.50
C ARG A 157 3.37 -1.43 10.31
N ILE A 158 4.02 -0.48 9.65
CA ILE A 158 3.44 0.85 9.50
C ILE A 158 2.42 0.93 8.36
N ALA A 159 1.20 1.33 8.70
CA ALA A 159 0.14 1.50 7.69
C ALA A 159 0.13 2.92 7.12
N ASP A 160 -0.26 3.00 5.84
CA ASP A 160 -0.67 4.24 5.16
C ASP A 160 0.40 5.08 4.47
N PHE A 161 1.58 4.51 4.29
CA PHE A 161 2.56 5.13 3.42
C PHE A 161 1.90 5.40 2.07
N GLY A 162 2.14 6.59 1.51
CA GLY A 162 1.60 6.98 0.22
C GLY A 162 0.11 7.30 0.19
N MET A 163 -0.52 7.43 1.36
CA MET A 163 -1.97 7.59 1.36
C MET A 163 -2.47 8.88 2.02
N ALA A 164 -1.55 9.76 2.38
CA ALA A 164 -1.94 11.02 3.03
C ALA A 164 -2.94 11.85 2.20
N SER A 165 -2.85 11.76 0.87
CA SER A 165 -3.71 12.55 0.00
C SER A 165 -5.12 11.97 -0.13
N LEU A 166 -5.29 10.72 0.28
CA LEU A 166 -6.60 10.11 0.16
C LEU A 166 -7.55 10.77 1.14
N GLN A 167 -7.02 11.29 2.23
CA GLN A 167 -7.82 12.03 3.21
C GLN A 167 -8.98 11.19 3.69
N VAL A 168 -8.68 9.97 4.11
CA VAL A 168 -9.70 9.06 4.61
C VAL A 168 -10.35 9.69 5.84
N GLY A 169 -11.60 10.09 5.69
CA GLY A 169 -12.29 10.84 6.73
C GLY A 169 -13.37 10.08 7.45
N ASP A 170 -13.74 10.60 8.61
CA ASP A 170 -14.85 10.08 9.40
C ASP A 170 -16.17 10.52 8.78
N SER A 171 -16.21 11.77 8.36
CA SER A 171 -17.44 12.41 7.92
C SER A 171 -17.34 12.79 6.44
N LEU A 172 -18.45 12.64 5.74
CA LEU A 172 -18.53 13.08 4.35
C LEU A 172 -18.62 14.60 4.29
N LEU A 173 -19.20 15.20 5.33
CA LEU A 173 -19.31 16.66 5.38
C LEU A 173 -18.00 17.33 5.80
N GLU A 174 -17.27 16.70 6.72
CA GLU A 174 -16.03 17.28 7.22
C GLU A 174 -14.80 16.71 6.52
N THR A 175 -13.99 17.59 5.94
CA THR A 175 -12.70 17.18 5.35
C THR A 175 -11.71 16.74 6.42
N SER A 176 -11.04 15.61 6.18
CA SER A 176 -10.03 15.09 7.10
C SER A 176 -8.76 15.92 7.04
N CYS A 177 -8.31 16.43 8.19
CA CYS A 177 -7.20 17.39 8.23
C CYS A 177 -5.82 16.80 8.54
N GLY A 178 -5.79 15.58 9.07
CA GLY A 178 -4.58 15.02 9.65
C GLY A 178 -4.62 15.20 11.16
N SER A 179 -3.79 14.47 11.88
CA SER A 179 -3.79 14.61 13.33
C SER A 179 -2.76 15.63 13.76
N PRO A 180 -3.24 16.71 14.40
CA PRO A 180 -2.36 17.84 14.67
C PRO A 180 -1.38 17.56 15.80
N HIS A 181 -1.71 16.61 16.68
CA HIS A 181 -0.84 16.27 17.79
C HIS A 181 0.55 15.82 17.34
N TYR A 182 0.59 15.17 16.16
CA TYR A 182 1.77 14.54 15.64
C TYR A 182 2.37 15.28 14.43
N ALA A 183 1.79 16.43 14.08
CA ALA A 183 2.20 17.14 12.87
C ALA A 183 3.21 18.25 13.13
N CYS A 184 4.20 18.38 12.24
CA CYS A 184 5.21 19.41 12.40
C CYS A 184 4.55 20.76 12.12
N PRO A 185 5.18 21.87 12.58
CA PRO A 185 4.52 23.17 12.39
C PRO A 185 4.37 23.52 10.92
N GLU A 186 5.30 23.08 10.08
CA GLU A 186 5.20 23.49 8.68
C GLU A 186 4.00 22.82 7.98
N VAL A 187 3.61 21.63 8.44
CA VAL A 187 2.40 20.97 7.97
C VAL A 187 1.14 21.65 8.55
N ILE A 188 1.22 22.09 9.80
CA ILE A 188 0.13 22.81 10.46
C ILE A 188 -0.18 24.11 9.71
N ARG A 189 0.88 24.84 9.35
CA ARG A 189 0.72 26.13 8.66
C ARG A 189 0.30 26.04 7.19
N GLY A 190 0.25 24.84 6.61
CA GLY A 190 -0.10 24.69 5.22
C GLY A 190 0.99 25.14 4.24
N GLU A 191 2.22 25.20 4.73
CA GLU A 191 3.37 25.57 3.91
C GLU A 191 3.87 24.43 3.04
N LYS A 192 4.69 24.75 2.06
CA LYS A 192 5.45 23.72 1.38
C LYS A 192 6.40 23.14 2.41
N TYR A 193 6.66 21.85 2.32
CA TYR A 193 7.47 21.20 3.33
C TYR A 193 8.19 20.00 2.76
N ASP A 194 9.18 19.54 3.49
CA ASP A 194 9.90 18.33 3.12
C ASP A 194 9.24 17.23 3.93
N GLY A 195 8.66 16.27 3.22
CA GLY A 195 7.95 15.15 3.81
C GLY A 195 8.83 14.33 4.72
N ARG A 196 10.11 14.21 4.35
CA ARG A 196 11.11 13.54 5.20
C ARG A 196 11.25 14.23 6.56
N LYS A 197 11.37 15.56 6.54
CA LYS A 197 11.43 16.36 7.76
C LYS A 197 10.15 16.28 8.61
N ALA A 198 9.00 16.17 7.96
CA ALA A 198 7.74 16.04 8.69
C ALA A 198 7.66 14.68 9.39
N ASP A 199 8.06 13.62 8.68
CA ASP A 199 8.08 12.28 9.28
C ASP A 199 9.02 12.26 10.51
N VAL A 200 10.16 12.94 10.42
CA VAL A 200 11.09 12.99 11.56
C VAL A 200 10.44 13.59 12.80
N TRP A 201 9.85 14.78 12.64
CA TRP A 201 9.06 15.40 13.71
C TRP A 201 8.02 14.44 14.28
N SER A 202 7.18 13.87 13.41
CA SER A 202 6.12 13.00 13.89
C SER A 202 6.76 11.85 14.66
N CYS A 203 7.91 11.41 14.17
CA CYS A 203 8.56 10.29 14.80
C CYS A 203 9.10 10.64 16.20
N GLY A 204 9.61 11.87 16.37
CA GLY A 204 9.97 12.36 17.69
C GLY A 204 8.78 12.42 18.67
N VAL A 205 7.61 12.88 18.19
CA VAL A 205 6.44 12.95 19.07
C VAL A 205 6.06 11.55 19.53
N ILE A 206 6.00 10.62 18.60
CA ILE A 206 5.69 9.24 18.94
C ILE A 206 6.69 8.64 19.94
N LEU A 207 7.97 8.88 19.73
CA LEU A 207 8.97 8.42 20.68
C LEU A 207 8.74 9.02 22.07
N PHE A 208 8.51 10.34 22.14
CA PHE A 208 8.16 10.98 23.40
C PHE A 208 6.99 10.23 24.06
N ALA A 209 5.96 9.93 23.29
CA ALA A 209 4.81 9.22 23.85
C ALA A 209 5.18 7.82 24.38
N LEU A 210 6.09 7.13 23.68
CA LEU A 210 6.48 5.80 24.12
C LEU A 210 7.16 5.88 25.48
N LEU A 211 7.99 6.89 25.64
CA LEU A 211 8.78 7.01 26.85
C LEU A 211 8.01 7.60 28.02
N VAL A 212 7.05 8.46 27.73
CA VAL A 212 6.42 9.24 28.78
C VAL A 212 5.01 8.75 29.08
N GLY A 213 4.32 8.20 28.10
CA GLY A 213 2.93 7.82 28.28
C GLY A 213 1.98 9.01 28.19
N ALA A 214 2.49 10.12 27.70
CA ALA A 214 1.68 11.32 27.44
C ALA A 214 2.28 12.10 26.26
N LEU A 215 1.49 13.02 25.71
CA LEU A 215 1.96 13.80 24.56
C LEU A 215 2.73 15.08 24.95
N PRO A 216 3.74 15.45 24.15
CA PRO A 216 4.45 16.72 24.37
C PRO A 216 3.52 17.94 24.20
N PHE A 217 2.59 17.87 23.26
CA PHE A 217 1.66 18.98 23.01
C PHE A 217 0.23 18.51 23.09
N ASP A 218 -0.51 19.06 24.04
CA ASP A 218 -1.88 18.67 24.19
C ASP A 218 -2.65 19.81 24.81
N ASP A 219 -3.94 19.90 24.50
CA ASP A 219 -4.77 21.01 24.97
C ASP A 219 -6.25 20.71 24.72
N ASP A 220 -7.13 21.28 25.54
CA ASP A 220 -8.56 21.04 25.34
C ASP A 220 -9.11 21.99 24.28
N ASN A 221 -8.36 23.05 24.01
CA ASN A 221 -8.69 24.03 22.99
C ASN A 221 -7.80 23.80 21.77
N LEU A 222 -8.44 23.65 20.63
CA LEU A 222 -7.75 23.31 19.39
C LEU A 222 -6.81 24.43 18.92
N ARG A 223 -7.26 25.68 19.00
CA ARG A 223 -6.40 26.79 18.60
C ARG A 223 -5.13 26.86 19.47
N GLN A 224 -5.30 26.60 20.76
CA GLN A 224 -4.21 26.60 21.73
C GLN A 224 -3.22 25.46 21.42
N LEU A 225 -3.75 24.30 21.09
CA LEU A 225 -2.92 23.19 20.69
C LEU A 225 -2.05 23.55 19.47
N LEU A 226 -2.65 24.23 18.48
CA LEU A 226 -1.88 24.62 17.30
C LEU A 226 -0.76 25.60 17.66
N GLU A 227 -1.06 26.58 18.50
CA GLU A 227 -0.03 27.49 19.00
C GLU A 227 1.14 26.75 19.64
N LYS A 228 0.83 25.85 20.58
CA LYS A 228 1.83 25.02 21.23
C LYS A 228 2.73 24.27 20.22
N VAL A 229 2.12 23.66 19.20
CA VAL A 229 2.88 22.96 18.18
C VAL A 229 3.87 23.90 17.47
N LYS A 230 3.38 25.03 16.96
CA LYS A 230 4.23 26.01 16.27
C LYS A 230 5.34 26.51 17.17
N ARG A 231 5.03 26.64 18.47
CA ARG A 231 5.97 27.14 19.46
C ARG A 231 7.08 26.15 19.75
N GLY A 232 6.73 24.86 19.80
CA GLY A 232 7.73 23.81 19.98
C GLY A 232 8.17 23.62 21.42
N VAL A 233 7.68 24.46 22.31
CA VAL A 233 7.99 24.30 23.74
C VAL A 233 7.17 23.17 24.40
N PHE A 234 7.87 22.25 25.05
CA PHE A 234 7.23 21.16 25.78
C PHE A 234 8.10 20.80 27.00
N HIS A 235 7.50 20.20 28.02
CA HIS A 235 8.25 19.79 29.21
C HIS A 235 8.94 18.45 28.97
N MET A 236 10.25 18.39 29.15
CA MET A 236 10.98 17.12 29.07
C MET A 236 11.03 16.49 30.48
N PRO A 237 10.38 15.33 30.66
CA PRO A 237 10.40 14.74 32.00
C PRO A 237 11.83 14.36 32.37
N HIS A 238 12.19 14.58 33.64
CA HIS A 238 13.55 14.47 34.11
C HIS A 238 14.10 13.04 34.15
N PHE A 239 13.21 12.06 34.22
CA PHE A 239 13.68 10.68 34.25
C PHE A 239 14.26 10.25 32.90
N ILE A 240 13.85 10.91 31.82
CA ILE A 240 14.42 10.60 30.50
C ILE A 240 15.92 10.89 30.44
N PRO A 241 16.73 9.87 30.11
CA PRO A 241 18.19 10.09 30.13
C PRO A 241 18.61 11.22 29.17
N PRO A 242 19.65 11.98 29.55
CA PRO A 242 20.08 13.20 28.86
C PRO A 242 20.47 13.02 27.38
N ASP A 243 21.01 11.87 26.97
CA ASP A 243 21.30 11.67 25.55
C ASP A 243 20.02 11.44 24.78
N CYS A 244 19.12 10.65 25.35
CA CYS A 244 17.82 10.48 24.76
C CYS A 244 17.06 11.81 24.64
N GLN A 245 17.17 12.68 25.66
CA GLN A 245 16.50 13.98 25.59
C GLN A 245 17.00 14.84 24.41
N SER A 246 18.31 14.86 24.20
CA SER A 246 18.89 15.61 23.10
C SER A 246 18.43 15.07 21.74
N LEU A 247 18.21 13.75 21.66
CA LEU A 247 17.64 13.21 20.44
C LEU A 247 16.17 13.66 20.23
N LEU A 248 15.35 13.59 21.28
CA LEU A 248 14.00 14.11 21.17
C LEU A 248 13.96 15.59 20.77
N ARG A 249 14.87 16.40 21.32
CA ARG A 249 14.92 17.82 20.99
C ARG A 249 15.41 18.07 19.56
N GLY A 250 16.26 17.17 19.05
CA GLY A 250 16.74 17.31 17.69
C GLY A 250 15.69 16.91 16.67
N MET A 251 14.75 16.08 17.09
CA MET A 251 13.65 15.66 16.21
C MET A 251 12.49 16.62 16.32
N ILE A 252 12.09 16.93 17.55
CA ILE A 252 10.99 17.87 17.74
C ILE A 252 11.56 19.28 17.75
N GLU A 253 12.04 19.68 16.58
CA GLU A 253 12.73 20.95 16.39
C GLU A 253 11.97 21.76 15.34
N VAL A 254 11.56 22.95 15.74
CA VAL A 254 10.66 23.79 14.95
C VAL A 254 11.30 24.25 13.64
N ASP A 255 12.59 24.59 13.70
CA ASP A 255 13.32 25.01 12.52
C ASP A 255 13.61 23.76 11.68
N ALA A 256 12.90 23.64 10.56
CA ALA A 256 13.03 22.47 9.72
C ALA A 256 14.45 22.33 9.17
N ALA A 257 15.18 23.44 9.11
CA ALA A 257 16.57 23.41 8.64
C ALA A 257 17.51 22.80 9.67
N ARG A 258 17.22 22.98 10.95
CA ARG A 258 18.06 22.41 11.98
C ARG A 258 17.60 21.02 12.44
N ARG A 259 16.34 20.68 12.15
CA ARG A 259 15.79 19.39 12.52
C ARG A 259 16.67 18.24 12.03
N LEU A 260 16.87 17.24 12.88
CA LEU A 260 17.72 16.09 12.56
C LEU A 260 17.24 15.34 11.31
N THR A 261 18.19 14.90 10.49
CA THR A 261 17.90 13.96 9.42
C THR A 261 17.99 12.55 9.97
N LEU A 262 17.35 11.62 9.26
CA LEU A 262 17.45 10.19 9.56
C LEU A 262 18.91 9.71 9.71
N GLU A 263 19.83 10.18 8.89
CA GLU A 263 21.18 9.65 9.01
C GLU A 263 21.79 10.04 10.35
N HIS A 264 21.50 11.26 10.80
CA HIS A 264 22.01 11.76 12.07
C HIS A 264 21.31 11.05 13.23
N ILE A 265 20.04 10.71 13.05
CA ILE A 265 19.31 9.96 14.07
C ILE A 265 19.94 8.59 14.28
N GLN A 266 20.24 7.90 13.18
CA GLN A 266 20.83 6.57 13.29
C GLN A 266 22.26 6.58 13.86
N LYS A 267 22.96 7.70 13.74
CA LYS A 267 24.31 7.87 14.31
C LYS A 267 24.28 8.37 15.76
N HIS A 268 23.09 8.70 16.28
CA HIS A 268 22.99 9.25 17.62
C HIS A 268 23.33 8.17 18.63
N ILE A 269 24.11 8.52 19.67
CA ILE A 269 24.50 7.50 20.65
C ILE A 269 23.34 6.75 21.28
N TRP A 270 22.23 7.43 21.53
CA TRP A 270 21.10 6.75 22.11
C TRP A 270 20.50 5.74 21.15
N TYR A 271 20.41 6.11 19.88
CA TYR A 271 19.93 5.19 18.85
C TYR A 271 20.77 3.92 18.89
N ILE A 272 22.08 4.08 18.81
CA ILE A 272 23.04 3.00 18.79
C ILE A 272 23.00 2.09 20.03
N GLY A 273 22.76 2.68 21.20
CA GLY A 273 22.80 1.92 22.44
C GLY A 273 24.26 1.77 22.84
N GLY A 274 24.50 1.10 23.95
CA GLY A 274 25.85 0.91 24.44
C GLY A 274 26.21 -0.52 24.80
N LYS A 275 25.33 -1.46 24.44
CA LYS A 275 25.56 -2.87 24.75
C LYS A 275 26.87 -3.38 24.15
N ASN A 276 27.04 -3.18 22.84
CA ASN A 276 28.30 -3.46 22.15
C ASN A 276 28.86 -4.86 22.38
N LYS A 287 18.32 -2.94 -2.79
CA LYS A 287 18.00 -1.56 -3.17
C LYS A 287 18.07 -1.37 -4.69
N VAL A 288 17.10 -0.64 -5.24
CA VAL A 288 17.11 -0.33 -6.67
C VAL A 288 18.14 0.74 -7.01
N GLN A 289 18.94 0.48 -8.03
CA GLN A 289 19.93 1.47 -8.46
C GLN A 289 19.42 2.22 -9.67
N ILE A 290 19.21 3.53 -9.50
CA ILE A 290 18.73 4.37 -10.59
C ILE A 290 19.89 4.83 -11.46
N ARG A 291 19.95 4.29 -12.67
CA ARG A 291 20.85 4.79 -13.69
C ARG A 291 20.04 5.75 -14.56
N SER A 292 20.65 6.25 -15.63
CA SER A 292 19.94 7.17 -16.51
C SER A 292 19.75 6.50 -17.86
N LEU A 293 18.66 6.86 -18.54
CA LEU A 293 18.39 6.29 -19.85
C LEU A 293 18.79 7.27 -20.97
N PRO A 294 19.91 6.99 -21.65
CA PRO A 294 20.36 7.90 -22.71
C PRO A 294 19.43 7.93 -23.93
N SER A 295 18.99 6.78 -24.42
CA SER A 295 18.14 6.73 -25.60
C SER A 295 16.83 6.03 -25.34
N LEU A 296 15.90 6.14 -26.28
CA LEU A 296 14.63 5.44 -26.15
C LEU A 296 14.83 3.99 -26.60
N GLU A 297 15.91 3.73 -27.31
CA GLU A 297 16.23 2.39 -27.76
C GLU A 297 16.63 1.51 -26.58
N ASP A 298 17.09 2.14 -25.50
CA ASP A 298 17.51 1.43 -24.30
C ASP A 298 16.32 1.05 -23.40
N ILE A 299 15.22 1.76 -23.58
CA ILE A 299 14.04 1.53 -22.76
C ILE A 299 13.39 0.18 -23.06
N ASP A 300 13.05 -0.54 -21.99
CA ASP A 300 12.46 -1.87 -22.12
C ASP A 300 10.98 -1.77 -22.47
N PRO A 301 10.56 -2.39 -23.58
CA PRO A 301 9.18 -2.30 -24.08
C PRO A 301 8.21 -3.02 -23.17
N ASP A 302 8.64 -4.14 -22.59
CA ASP A 302 7.78 -4.89 -21.69
C ASP A 302 7.52 -4.06 -20.44
N VAL A 303 8.58 -3.42 -19.94
CA VAL A 303 8.46 -2.61 -18.72
C VAL A 303 7.59 -1.39 -19.03
N LEU A 304 7.75 -0.86 -20.23
CA LEU A 304 6.96 0.27 -20.68
C LEU A 304 5.47 -0.07 -20.71
N ASP A 305 5.15 -1.28 -21.15
CA ASP A 305 3.76 -1.71 -21.22
C ASP A 305 3.14 -1.92 -19.84
N SER A 306 3.93 -2.45 -18.90
CA SER A 306 3.46 -2.58 -17.53
C SER A 306 3.10 -1.21 -16.99
N MET A 307 4.01 -0.27 -17.21
CA MET A 307 3.80 1.08 -16.75
C MET A 307 2.58 1.73 -17.41
N HIS A 308 2.48 1.58 -18.72
CA HIS A 308 1.39 2.20 -19.47
C HIS A 308 0.00 1.64 -19.11
N SER A 309 -0.03 0.49 -18.45
CA SER A 309 -1.31 -0.07 -18.02
C SER A 309 -1.93 0.75 -16.86
N LEU A 310 -1.12 1.60 -16.20
CA LEU A 310 -1.64 2.42 -15.10
C LEU A 310 -2.28 3.70 -15.61
N GLY A 311 -3.41 4.07 -15.00
CA GLY A 311 -4.10 5.31 -15.32
C GLY A 311 -3.23 6.56 -15.24
N CYS A 312 -2.34 6.57 -14.26
CA CYS A 312 -1.44 7.70 -14.05
C CYS A 312 -0.40 7.83 -15.16
N PHE A 313 -0.37 6.88 -16.10
CA PHE A 313 0.55 6.97 -17.24
C PHE A 313 -0.15 6.84 -18.60
N ARG A 314 -1.35 7.40 -18.73
CA ARG A 314 -2.07 7.33 -20.00
C ARG A 314 -1.27 7.99 -21.11
N ASP A 315 -0.54 9.05 -20.74
CA ASP A 315 0.31 9.80 -21.67
C ASP A 315 1.64 9.10 -21.95
N ARG A 316 1.68 8.22 -22.95
CA ARG A 316 2.89 7.46 -23.28
C ARG A 316 4.12 8.33 -23.52
N ASN A 317 3.94 9.44 -24.22
CA ASN A 317 5.06 10.31 -24.55
C ASN A 317 5.61 11.04 -23.32
N LYS A 318 4.70 11.52 -22.48
CA LYS A 318 5.08 12.17 -21.23
C LYS A 318 5.88 11.23 -20.33
N LEU A 319 5.58 9.93 -20.39
CA LEU A 319 6.32 8.94 -19.59
C LEU A 319 7.74 8.81 -20.13
N LEU A 320 7.86 8.79 -21.45
CA LEU A 320 9.16 8.69 -22.10
C LEU A 320 10.01 9.91 -21.77
N GLN A 321 9.39 11.09 -21.84
CA GLN A 321 10.08 12.32 -21.49
C GLN A 321 10.58 12.21 -20.06
N ASP A 322 9.74 11.67 -19.18
CA ASP A 322 10.08 11.55 -17.77
C ASP A 322 11.19 10.55 -17.47
N LEU A 323 11.36 9.57 -18.36
CA LEU A 323 12.42 8.58 -18.21
C LEU A 323 13.73 9.08 -18.85
N LEU A 324 13.60 9.87 -19.91
CA LEU A 324 14.75 10.35 -20.67
C LEU A 324 15.37 11.60 -20.08
N SER A 325 14.64 12.27 -19.18
CA SER A 325 15.13 13.50 -18.56
C SER A 325 16.24 13.20 -17.56
N GLU A 326 16.92 14.25 -17.12
CA GLU A 326 18.05 14.08 -16.19
C GLU A 326 17.60 13.96 -14.74
N GLU A 327 16.50 14.62 -14.39
CA GLU A 327 16.00 14.65 -13.02
C GLU A 327 15.56 13.28 -12.52
N GLU A 328 15.83 13.00 -11.25
CA GLU A 328 15.31 11.79 -10.62
C GLU A 328 13.84 12.00 -10.26
N ASN A 329 13.00 11.05 -10.63
CA ASN A 329 11.56 11.15 -10.44
C ASN A 329 10.99 9.78 -10.20
N GLN A 330 9.71 9.71 -9.82
CA GLN A 330 9.08 8.44 -9.47
C GLN A 330 8.87 7.54 -10.68
N GLU A 331 8.80 8.14 -11.88
CA GLU A 331 8.73 7.38 -13.13
C GLU A 331 9.95 6.47 -13.26
N LYS A 332 11.13 7.03 -13.02
CA LYS A 332 12.36 6.26 -13.06
C LYS A 332 12.41 5.21 -11.97
N MET A 333 11.93 5.56 -10.77
CA MET A 333 11.89 4.62 -9.66
C MET A 333 11.07 3.39 -10.04
N ILE A 334 9.88 3.62 -10.59
CA ILE A 334 9.05 2.50 -10.99
C ILE A 334 9.75 1.66 -12.08
N TYR A 335 10.20 2.35 -13.14
CA TYR A 335 10.92 1.69 -14.22
C TYR A 335 12.02 0.73 -13.75
N PHE A 336 12.91 1.22 -12.90
CA PHE A 336 14.03 0.40 -12.50
C PHE A 336 13.62 -0.69 -11.54
N LEU A 337 12.64 -0.40 -10.70
CA LEU A 337 12.07 -1.43 -9.83
C LEU A 337 11.52 -2.55 -10.69
N LEU A 338 10.85 -2.19 -11.78
CA LEU A 338 10.25 -3.18 -12.67
C LEU A 338 11.32 -3.88 -13.49
N LEU A 339 12.32 -3.13 -13.91
CA LEU A 339 13.41 -3.69 -14.71
C LEU A 339 14.17 -4.75 -13.90
N ASP A 340 14.45 -4.45 -12.64
CA ASP A 340 15.18 -5.38 -11.79
C ASP A 340 14.32 -6.59 -11.45
N ARG A 341 13.04 -6.35 -11.24
CA ARG A 341 12.06 -7.41 -11.03
C ARG A 341 12.09 -8.35 -12.23
N LYS A 342 12.45 -7.82 -13.39
CA LYS A 342 12.51 -8.59 -14.63
C LYS A 342 13.80 -9.40 -14.78
N LEU A 343 14.86 -8.97 -14.10
CA LEU A 343 16.14 -9.64 -14.21
C LEU A 343 16.09 -11.06 -13.66
N GLU A 344 15.29 -11.25 -12.61
CA GLU A 344 15.19 -12.53 -11.93
C GLU A 344 14.71 -13.66 -12.84
N LYS B 2 -15.98 -2.76 -10.54
CA LYS B 2 -14.72 -2.60 -9.80
C LYS B 2 -13.52 -3.05 -10.62
N LYS B 3 -12.65 -2.10 -10.94
CA LYS B 3 -11.48 -2.38 -11.74
C LYS B 3 -10.21 -2.40 -10.89
N SER B 4 -9.31 -3.32 -11.17
CA SER B 4 -8.04 -3.40 -10.45
C SER B 4 -7.01 -2.48 -11.07
N TRP B 5 -6.38 -1.62 -10.24
CA TRP B 5 -5.27 -0.81 -10.75
C TRP B 5 -4.08 -1.63 -11.23
N PHE B 6 -3.75 -2.72 -10.53
CA PHE B 6 -2.45 -3.34 -10.76
C PHE B 6 -2.50 -4.69 -11.43
N GLY B 7 -3.69 -5.07 -11.90
CA GLY B 7 -3.89 -6.34 -12.57
C GLY B 7 -3.09 -6.58 -13.84
N ASN B 8 -2.58 -5.51 -14.46
CA ASN B 8 -1.79 -5.68 -15.67
C ASN B 8 -0.39 -5.13 -15.49
N PHE B 9 -0.04 -4.91 -14.23
CA PHE B 9 1.17 -4.18 -13.89
C PHE B 9 2.32 -5.16 -13.59
N ILE B 10 2.10 -5.99 -12.57
CA ILE B 10 3.11 -6.91 -12.11
C ILE B 10 2.43 -8.09 -11.43
N ASN B 11 3.10 -9.23 -11.44
CA ASN B 11 2.65 -10.40 -10.70
C ASN B 11 3.69 -10.77 -9.63
N LEU B 12 3.31 -10.61 -8.35
CA LEU B 12 4.22 -10.90 -7.25
C LEU B 12 4.10 -12.35 -6.80
N GLU B 13 3.00 -12.98 -7.21
CA GLU B 13 2.70 -14.35 -6.80
C GLU B 13 3.42 -15.40 -7.66
N LYS B 14 3.67 -16.57 -7.09
CA LYS B 14 4.40 -17.63 -7.78
C LYS B 14 3.66 -18.10 -9.03
N GLU B 15 2.34 -17.97 -9.00
CA GLU B 15 1.50 -18.31 -10.13
C GLU B 15 0.76 -17.07 -10.63
N GLU B 16 0.69 -16.89 -11.94
CA GLU B 16 -0.10 -15.80 -12.50
C GLU B 16 -1.55 -16.27 -12.69
N GLN B 17 -2.48 -15.59 -12.00
CA GLN B 17 -3.85 -16.05 -11.94
C GLN B 17 -4.86 -14.93 -12.07
N ILE B 18 -6.02 -15.27 -12.61
CA ILE B 18 -7.11 -14.33 -12.70
C ILE B 18 -8.35 -15.02 -12.14
N PHE B 19 -9.04 -14.34 -11.24
CA PHE B 19 -10.20 -14.92 -10.58
C PHE B 19 -11.44 -14.19 -11.03
N VAL B 20 -12.53 -14.94 -11.21
CA VAL B 20 -13.83 -14.36 -11.51
C VAL B 20 -14.84 -14.99 -10.59
N VAL B 21 -15.64 -14.15 -9.93
CA VAL B 21 -16.71 -14.61 -9.06
C VAL B 21 -18.02 -14.60 -9.85
N ILE B 22 -18.72 -15.73 -9.87
CA ILE B 22 -19.98 -15.81 -10.58
C ILE B 22 -21.17 -15.93 -9.63
N LYS B 23 -22.13 -15.02 -9.75
CA LYS B 23 -23.19 -14.86 -8.76
C LYS B 23 -24.40 -15.78 -8.92
N ASP B 24 -25.04 -15.74 -10.09
CA ASP B 24 -26.33 -16.41 -10.24
C ASP B 24 -26.38 -17.45 -11.35
N LYS B 25 -25.45 -18.39 -11.34
CA LYS B 25 -25.42 -19.46 -12.35
C LYS B 25 -25.03 -20.79 -11.74
N PRO B 26 -25.77 -21.86 -12.05
CA PRO B 26 -25.36 -23.18 -11.58
C PRO B 26 -24.08 -23.64 -12.31
N LEU B 27 -23.49 -24.72 -11.84
CA LEU B 27 -22.25 -25.22 -12.43
C LEU B 27 -22.39 -25.51 -13.92
N SER B 28 -23.57 -25.97 -14.32
CA SER B 28 -23.78 -26.35 -15.71
C SER B 28 -23.71 -25.14 -16.65
N SER B 29 -24.29 -24.03 -16.21
CA SER B 29 -24.26 -22.79 -16.98
C SER B 29 -22.83 -22.28 -17.10
N ILE B 30 -22.11 -22.30 -15.98
CA ILE B 30 -20.73 -21.85 -15.94
C ILE B 30 -19.83 -22.62 -16.91
N LYS B 31 -19.94 -23.94 -16.90
CA LYS B 31 -19.18 -24.78 -17.83
C LYS B 31 -19.57 -24.47 -19.28
N ALA B 32 -20.87 -24.31 -19.52
CA ALA B 32 -21.35 -24.01 -20.86
C ALA B 32 -20.81 -22.66 -21.36
N ASP B 33 -20.71 -21.69 -20.46
CA ASP B 33 -20.16 -20.39 -20.84
C ASP B 33 -18.71 -20.52 -21.27
N ILE B 34 -17.94 -21.29 -20.51
CA ILE B 34 -16.52 -21.47 -20.75
C ILE B 34 -16.28 -22.18 -22.08
N VAL B 35 -17.03 -23.24 -22.33
CA VAL B 35 -16.85 -23.98 -23.56
C VAL B 35 -17.22 -23.14 -24.79
N HIS B 36 -18.36 -22.45 -24.71
CA HIS B 36 -18.73 -21.48 -25.73
C HIS B 36 -17.60 -20.50 -26.03
N ALA B 37 -17.02 -19.92 -24.99
CA ALA B 37 -15.93 -18.99 -25.18
C ALA B 37 -14.74 -19.65 -25.87
N PHE B 38 -14.42 -20.88 -25.45
CA PHE B 38 -13.35 -21.66 -26.07
C PHE B 38 -13.57 -21.85 -27.57
N LEU B 39 -14.75 -22.33 -27.92
CA LEU B 39 -15.07 -22.62 -29.31
C LEU B 39 -15.10 -21.34 -30.13
N SER B 40 -15.52 -20.24 -29.50
CA SER B 40 -15.55 -18.94 -30.14
C SER B 40 -14.16 -18.45 -30.51
N ILE B 41 -13.15 -19.10 -29.97
CA ILE B 41 -11.77 -18.73 -30.25
C ILE B 41 -11.14 -19.80 -31.13
N PRO B 42 -11.05 -19.51 -32.43
CA PRO B 42 -10.64 -20.50 -33.44
C PRO B 42 -9.21 -21.01 -33.26
N SER B 43 -8.32 -20.13 -32.81
CA SER B 43 -6.92 -20.50 -32.61
C SER B 43 -6.71 -21.20 -31.27
N LEU B 44 -7.80 -21.42 -30.55
CA LEU B 44 -7.72 -22.09 -29.26
C LEU B 44 -8.38 -23.46 -29.28
N SER B 45 -7.60 -24.47 -28.92
CA SER B 45 -8.15 -25.78 -28.62
C SER B 45 -8.16 -25.97 -27.10
N HIS B 46 -9.07 -26.81 -26.62
CA HIS B 46 -9.13 -27.13 -25.21
C HIS B 46 -9.46 -28.61 -25.04
N SER B 47 -9.34 -29.08 -23.80
CA SER B 47 -9.76 -30.42 -23.45
C SER B 47 -10.27 -30.40 -22.02
N VAL B 48 -11.05 -31.42 -21.65
CA VAL B 48 -11.60 -31.56 -20.31
C VAL B 48 -10.68 -32.42 -19.43
N ILE B 49 -10.25 -31.90 -18.29
CA ILE B 49 -9.33 -32.67 -17.45
C ILE B 49 -9.92 -33.00 -16.09
N SER B 50 -11.13 -32.53 -15.83
CA SER B 50 -11.85 -32.86 -14.60
C SER B 50 -13.28 -32.40 -14.74
N GLN B 51 -14.13 -32.85 -13.83
CA GLN B 51 -15.51 -32.39 -13.78
C GLN B 51 -15.58 -30.86 -13.57
N THR B 52 -14.50 -30.29 -13.05
CA THR B 52 -14.47 -28.87 -12.72
C THR B 52 -13.28 -28.12 -13.32
N SER B 53 -12.56 -28.73 -14.25
CA SER B 53 -11.40 -28.05 -14.83
C SER B 53 -11.07 -28.40 -16.28
N PHE B 54 -10.47 -27.43 -16.96
CA PHE B 54 -10.14 -27.54 -18.37
C PHE B 54 -8.69 -27.14 -18.60
N ARG B 55 -8.14 -27.62 -19.71
CA ARG B 55 -6.87 -27.10 -20.20
C ARG B 55 -7.10 -26.53 -21.59
N ALA B 56 -6.43 -25.42 -21.88
CA ALA B 56 -6.58 -24.80 -23.18
C ALA B 56 -5.21 -24.40 -23.72
N GLU B 57 -5.13 -24.17 -25.01
CA GLU B 57 -3.91 -23.69 -25.63
C GLU B 57 -4.25 -22.73 -26.77
N TYR B 58 -3.76 -21.50 -26.68
CA TYR B 58 -3.94 -20.52 -27.74
C TYR B 58 -2.64 -20.42 -28.53
N LYS B 59 -2.74 -20.48 -29.86
CA LYS B 59 -1.56 -20.48 -30.73
C LYS B 59 -1.47 -19.25 -31.64
N GLN B 68 6.95 -17.48 -32.26
CA GLN B 68 5.99 -17.12 -31.21
C GLN B 68 5.61 -18.34 -30.37
N LYS B 69 5.33 -18.12 -29.08
CA LYS B 69 5.03 -19.23 -28.16
C LYS B 69 3.54 -19.33 -27.81
N PRO B 70 3.00 -20.56 -27.79
CA PRO B 70 1.60 -20.76 -27.46
C PRO B 70 1.33 -20.50 -26.00
N VAL B 71 0.19 -19.89 -25.71
CA VAL B 71 -0.25 -19.72 -24.35
C VAL B 71 -0.99 -20.97 -23.91
N LYS B 72 -0.47 -21.62 -22.87
CA LYS B 72 -1.11 -22.77 -22.27
C LYS B 72 -1.64 -22.33 -20.92
N PHE B 73 -2.87 -22.74 -20.58
CA PHE B 73 -3.44 -22.42 -19.27
C PHE B 73 -4.51 -23.39 -18.80
N GLN B 74 -4.87 -23.26 -17.53
CA GLN B 74 -5.89 -24.11 -16.95
C GLN B 74 -7.07 -23.26 -16.45
N VAL B 75 -8.27 -23.83 -16.45
CA VAL B 75 -9.45 -23.14 -15.94
C VAL B 75 -10.12 -24.00 -14.89
N ASP B 76 -10.21 -23.51 -13.65
CA ASP B 76 -10.83 -24.29 -12.56
C ASP B 76 -12.07 -23.60 -11.99
N ILE B 77 -13.11 -24.38 -11.76
CA ILE B 77 -14.32 -23.88 -11.09
C ILE B 77 -14.35 -24.45 -9.68
N THR B 78 -14.57 -23.59 -8.69
CA THR B 78 -14.62 -24.07 -7.31
C THR B 78 -15.80 -23.41 -6.57
N TYR B 79 -16.48 -24.18 -5.74
CA TYR B 79 -17.62 -23.69 -4.98
C TYR B 79 -17.14 -22.94 -3.75
N THR B 80 -17.65 -21.73 -3.57
CA THR B 80 -17.39 -20.96 -2.36
C THR B 80 -18.50 -21.32 -1.36
N GLU B 81 -18.41 -20.82 -0.14
CA GLU B 81 -19.43 -21.18 0.84
C GLU B 81 -20.26 -20.00 1.33
N GLY B 82 -21.54 -20.00 0.96
CA GLY B 82 -22.48 -18.99 1.41
C GLY B 82 -23.61 -19.59 2.21
N ASN B 89 -28.20 -20.96 -1.14
CA ASN B 89 -27.56 -20.06 -2.08
C ASN B 89 -26.15 -20.50 -2.49
N GLY B 90 -25.82 -20.36 -3.77
CA GLY B 90 -24.57 -20.87 -4.31
C GLY B 90 -23.78 -19.93 -5.23
N ILE B 91 -22.63 -19.49 -4.73
CA ILE B 91 -21.69 -18.67 -5.52
C ILE B 91 -20.48 -19.51 -5.97
N TYR B 92 -19.96 -19.22 -7.16
CA TYR B 92 -18.83 -19.95 -7.70
C TYR B 92 -17.72 -19.01 -8.10
N SER B 93 -16.52 -19.55 -8.20
CA SER B 93 -15.39 -18.81 -8.69
C SER B 93 -14.73 -19.59 -9.82
N VAL B 94 -14.17 -18.88 -10.78
CA VAL B 94 -13.42 -19.51 -11.85
C VAL B 94 -12.00 -19.01 -11.78
N THR B 95 -11.04 -19.94 -11.74
CA THR B 95 -9.63 -19.57 -11.63
C THR B 95 -8.89 -19.88 -12.92
N PHE B 96 -8.28 -18.85 -13.49
CA PHE B 96 -7.48 -19.01 -14.68
C PHE B 96 -6.01 -19.03 -14.28
N THR B 97 -5.32 -20.10 -14.65
CA THR B 97 -3.91 -20.23 -14.31
C THR B 97 -3.00 -20.38 -15.53
N LEU B 98 -2.11 -19.43 -15.71
CA LEU B 98 -1.14 -19.51 -16.80
C LEU B 98 -0.10 -20.60 -16.54
N LEU B 99 0.00 -21.55 -17.46
CA LEU B 99 1.00 -22.62 -17.36
C LEU B 99 2.30 -22.19 -18.05
N SER B 100 2.19 -21.79 -19.31
CA SER B 100 3.34 -21.26 -20.05
C SER B 100 2.87 -20.39 -21.20
N GLY B 101 3.74 -19.52 -21.69
CA GLY B 101 3.37 -18.59 -22.73
C GLY B 101 3.33 -17.17 -22.21
N PRO B 102 3.30 -16.19 -23.13
CA PRO B 102 3.33 -14.75 -22.76
C PRO B 102 2.09 -14.29 -21.99
N SER B 103 2.31 -13.52 -20.92
CA SER B 103 1.25 -13.03 -20.04
C SER B 103 0.25 -12.18 -20.77
N ARG B 104 0.73 -11.34 -21.68
CA ARG B 104 -0.12 -10.41 -22.38
C ARG B 104 -1.23 -11.13 -23.13
N ARG B 105 -0.86 -12.15 -23.89
CA ARG B 105 -1.82 -12.91 -24.69
C ARG B 105 -2.77 -13.69 -23.77
N PHE B 106 -2.23 -14.18 -22.65
CA PHE B 106 -3.05 -14.85 -21.65
C PHE B 106 -4.13 -13.92 -21.07
N LYS B 107 -3.75 -12.70 -20.73
CA LYS B 107 -4.70 -11.75 -20.17
C LYS B 107 -5.81 -11.48 -21.17
N ARG B 108 -5.45 -11.32 -22.45
CA ARG B 108 -6.44 -11.04 -23.47
C ARG B 108 -7.45 -12.16 -23.60
N VAL B 109 -6.96 -13.39 -23.81
CA VAL B 109 -7.84 -14.54 -23.92
C VAL B 109 -8.77 -14.65 -22.71
N VAL B 110 -8.22 -14.53 -21.52
CA VAL B 110 -9.03 -14.56 -20.30
C VAL B 110 -10.11 -13.47 -20.28
N GLU B 111 -9.78 -12.27 -20.74
CA GLU B 111 -10.77 -11.21 -20.83
C GLU B 111 -12.00 -11.63 -21.62
N THR B 112 -11.81 -12.29 -22.76
CA THR B 112 -12.95 -12.65 -23.60
C THR B 112 -13.75 -13.84 -23.04
N ILE B 113 -13.08 -14.72 -22.31
CA ILE B 113 -13.78 -15.78 -21.61
C ILE B 113 -14.58 -15.20 -20.46
N GLN B 114 -13.91 -14.36 -19.69
CA GLN B 114 -14.51 -13.67 -18.56
C GLN B 114 -15.74 -12.86 -18.97
N ALA B 115 -15.67 -12.25 -20.14
CA ALA B 115 -16.79 -11.45 -20.62
C ALA B 115 -17.99 -12.35 -20.89
N GLN B 116 -17.73 -13.54 -21.41
CA GLN B 116 -18.81 -14.50 -21.63
C GLN B 116 -19.41 -14.92 -20.29
N LEU B 117 -18.54 -15.25 -19.34
CA LEU B 117 -18.94 -15.65 -17.99
C LEU B 117 -19.78 -14.61 -17.26
N LEU B 118 -19.51 -13.33 -17.53
CA LEU B 118 -20.22 -12.27 -16.83
C LEU B 118 -21.53 -11.89 -17.52
N SER B 119 -21.66 -12.29 -18.79
CA SER B 119 -22.91 -12.10 -19.51
C SER B 119 -23.17 -13.25 -20.47
#